data_6N0Q
#
_entry.id   6N0Q
#
_cell.length_a   94.320
_cell.length_b   94.320
_cell.length_c   162.340
_cell.angle_alpha   90.000
_cell.angle_beta   90.000
_cell.angle_gamma   90.000
#
_symmetry.space_group_name_H-M   'P 41 21 2'
#
loop_
_entity.id
_entity.type
_entity.pdbx_description
1 polymer 'Serine/threonine-protein kinase B-raf'
2 non-polymer N-[4-methyl-3-(1-methyl-2-oxo-2,3-dihydro-1H-benzimidazol-5-yl)phenyl]-3-(trifluoromethyl)benzamide
3 water water
#
_entity_poly.entity_id   1
_entity_poly.type   'polypeptide(L)'
_entity_poly.pdbx_seq_one_letter_code
;GSDSSDDWEIPDGQITVGQRIGSGSFGTVYKGKWHGDVAVKMLNVTAPTPQQLQAFKNEVGVLRKTRHVNILLFMGYSTK
PQLAIVTQWCEGSSLYHHLHIIETKFEMIKLIDIARQTAQGMDYLHAKSIIHRDLKSNNIFLHEDLTVKIGDFGLATVKS
RWSGSHQFEQLSGSILWMAPEVIRMQDKNPYSFQSDVYAFGIVLYELMTGQLPYSNINNRDQIIFMVGRGYLSPDLSKVR
SNCPKAMKRLMAECLKKKRDERPLFPQILASIELLARSLPK
;
_entity_poly.pdbx_strand_id   A,B
#
# COMPACT_ATOMS: atom_id res chain seq x y z
N SER A 4 15.00 -5.34 14.63
CA SER A 4 14.47 -6.70 14.48
C SER A 4 12.98 -6.80 14.86
N SER A 5 12.44 -5.74 15.46
CA SER A 5 11.05 -5.67 15.86
C SER A 5 10.25 -4.92 14.79
N ASP A 6 8.96 -5.22 14.69
CA ASP A 6 8.07 -4.59 13.73
C ASP A 6 7.27 -3.47 14.35
N ASP A 7 7.32 -3.33 15.70
CA ASP A 7 6.59 -2.26 16.41
C ASP A 7 5.12 -2.21 15.97
N TRP A 8 4.43 -3.36 16.06
CA TRP A 8 3.02 -3.50 15.63
C TRP A 8 2.04 -2.88 16.60
N GLU A 9 2.38 -2.87 17.88
CA GLU A 9 1.47 -2.37 18.92
C GLU A 9 1.43 -0.87 18.88
N ILE A 10 0.27 -0.35 18.54
CA ILE A 10 0.08 1.11 18.43
C ILE A 10 0.16 1.74 19.84
N PRO A 11 0.87 2.87 20.04
CA PRO A 11 0.91 3.49 21.38
C PRO A 11 -0.50 3.80 21.91
N ASP A 12 -0.69 3.67 23.22
CA ASP A 12 -1.97 3.90 23.89
C ASP A 12 -2.47 5.32 23.67
N GLY A 13 -3.80 5.48 23.62
CA GLY A 13 -4.42 6.80 23.48
C GLY A 13 -4.09 7.56 22.21
N GLN A 14 -4.03 6.86 21.07
CA GLN A 14 -3.73 7.48 19.77
C GLN A 14 -4.85 7.27 18.75
N ILE A 15 -5.46 6.09 18.72
CA ILE A 15 -6.53 5.81 17.75
C ILE A 15 -7.81 6.51 18.14
N THR A 16 -8.52 7.10 17.15
CA THR A 16 -9.88 7.59 17.37
C THR A 16 -10.75 6.89 16.32
N VAL A 17 -12.03 6.69 16.63
CA VAL A 17 -12.99 6.09 15.70
C VAL A 17 -14.13 7.07 15.43
N GLY A 18 -14.64 7.08 14.21
CA GLY A 18 -15.76 7.92 13.85
C GLY A 18 -16.93 7.04 13.46
N GLN A 19 -17.31 7.14 12.19
CA GLN A 19 -18.43 6.44 11.60
C GLN A 19 -18.33 4.93 11.68
N ARG A 20 -19.38 4.29 12.23
CA ARG A 20 -19.49 2.83 12.24
C ARG A 20 -19.83 2.44 10.78
N ILE A 21 -19.03 1.58 10.19
CA ILE A 21 -19.26 1.18 8.80
C ILE A 21 -19.76 -0.26 8.68
N GLY A 22 -19.58 -1.04 9.74
CA GLY A 22 -20.01 -2.42 9.74
C GLY A 22 -19.58 -3.21 10.94
N SER A 23 -19.69 -4.54 10.80
CA SER A 23 -19.33 -5.56 11.78
C SER A 23 -18.29 -6.42 11.11
N GLY A 24 -17.37 -6.94 11.91
CA GLY A 24 -16.32 -7.81 11.40
C GLY A 24 -15.80 -8.75 12.45
N SER A 25 -15.88 -10.06 12.17
CA SER A 25 -15.40 -11.18 12.98
C SER A 25 -15.70 -11.02 14.49
N PHE A 26 -14.81 -10.34 15.25
CA PHE A 26 -14.95 -10.16 16.69
C PHE A 26 -15.60 -8.85 17.13
N GLY A 27 -15.69 -7.87 16.26
CA GLY A 27 -16.29 -6.60 16.67
C GLY A 27 -16.90 -5.74 15.59
N THR A 28 -16.79 -4.43 15.80
CA THR A 28 -17.34 -3.40 14.95
C THR A 28 -16.23 -2.74 14.16
N VAL A 29 -16.51 -2.46 12.89
CA VAL A 29 -15.58 -1.76 12.02
C VAL A 29 -16.01 -0.30 11.92
N TYR A 30 -15.06 0.59 12.13
CA TYR A 30 -15.28 2.02 12.03
C TYR A 30 -14.29 2.64 11.05
N LYS A 31 -14.64 3.80 10.55
CA LYS A 31 -13.70 4.63 9.81
C LYS A 31 -13.05 5.41 10.99
N GLY A 32 -11.74 5.49 11.02
CA GLY A 32 -11.07 6.15 12.13
C GLY A 32 -9.91 6.99 11.71
N LYS A 33 -9.12 7.41 12.71
CA LYS A 33 -7.93 8.23 12.50
C LYS A 33 -6.79 7.68 13.34
N TRP A 34 -5.62 7.52 12.68
CA TRP A 34 -4.35 7.12 13.25
C TRP A 34 -3.37 7.35 12.13
N HIS A 35 -2.71 8.53 12.16
CA HIS A 35 -1.82 8.98 11.05
C HIS A 35 -2.63 9.02 9.76
N GLY A 36 -3.81 9.65 9.85
CA GLY A 36 -4.75 9.82 8.74
C GLY A 36 -5.88 8.81 8.77
N ASP A 37 -6.68 8.74 7.71
CA ASP A 37 -7.80 7.80 7.64
C ASP A 37 -7.33 6.39 7.77
N VAL A 38 -8.07 5.62 8.56
CA VAL A 38 -7.82 4.18 8.77
C VAL A 38 -9.16 3.51 8.95
N ALA A 39 -9.16 2.19 8.87
CA ALA A 39 -10.32 1.39 9.19
C ALA A 39 -9.90 0.76 10.52
N VAL A 40 -10.80 0.75 11.47
CA VAL A 40 -10.50 0.19 12.80
C VAL A 40 -11.54 -0.89 13.15
N LYS A 41 -11.10 -2.11 13.42
CA LYS A 41 -11.99 -3.18 13.86
C LYS A 41 -11.78 -3.32 15.34
N MET A 42 -12.79 -2.96 16.11
CA MET A 42 -12.67 -2.84 17.54
C MET A 42 -13.71 -3.62 18.33
N LEU A 43 -13.28 -4.30 19.40
CA LEU A 43 -14.14 -5.04 20.31
C LEU A 43 -14.82 -4.03 21.22
N ASN A 44 -16.14 -4.04 21.17
CA ASN A 44 -17.04 -3.11 21.86
C ASN A 44 -16.88 -3.07 23.38
N VAL A 45 -16.63 -4.22 24.02
CA VAL A 45 -16.44 -4.34 25.47
C VAL A 45 -14.98 -4.08 25.87
N THR A 46 -14.74 -3.66 27.13
CA THR A 46 -13.38 -3.44 27.63
C THR A 46 -12.75 -4.74 28.13
N ALA A 47 -13.58 -5.66 28.69
CA ALA A 47 -13.15 -6.95 29.20
C ALA A 47 -13.46 -8.10 28.20
N PRO A 48 -12.48 -8.50 27.36
CA PRO A 48 -12.74 -9.59 26.40
C PRO A 48 -12.71 -10.97 27.05
N THR A 49 -13.55 -11.89 26.56
CA THR A 49 -13.58 -13.28 27.03
C THR A 49 -12.31 -13.96 26.48
N PRO A 50 -11.78 -15.07 27.08
CA PRO A 50 -10.55 -15.69 26.54
C PRO A 50 -10.64 -16.07 25.06
N GLN A 51 -11.87 -16.37 24.58
CA GLN A 51 -12.18 -16.72 23.19
C GLN A 51 -12.03 -15.49 22.28
N GLN A 52 -12.61 -14.32 22.70
CA GLN A 52 -12.55 -13.07 21.93
C GLN A 52 -11.10 -12.63 21.78
N LEU A 53 -10.33 -12.72 22.87
CA LEU A 53 -8.91 -12.40 22.90
C LEU A 53 -8.15 -13.33 21.94
N GLN A 54 -8.44 -14.66 21.98
CA GLN A 54 -7.81 -15.63 21.08
C GLN A 54 -8.13 -15.34 19.61
N ALA A 55 -9.39 -14.97 19.30
CA ALA A 55 -9.80 -14.64 17.92
C ALA A 55 -9.02 -13.39 17.43
N PHE A 56 -8.80 -12.40 18.31
CA PHE A 56 -8.03 -11.19 18.04
C PHE A 56 -6.57 -11.56 17.72
N LYS A 57 -5.94 -12.34 18.62
CA LYS A 57 -4.54 -12.75 18.48
C LYS A 57 -4.28 -13.53 17.19
N ASN A 58 -5.24 -14.39 16.79
CA ASN A 58 -5.12 -15.19 15.58
C ASN A 58 -5.22 -14.27 14.35
N GLU A 59 -6.15 -13.31 14.36
CA GLU A 59 -6.32 -12.38 13.25
C GLU A 59 -5.09 -11.47 13.08
N VAL A 60 -4.52 -10.98 14.20
CA VAL A 60 -3.29 -10.18 14.17
C VAL A 60 -2.13 -11.01 13.60
N GLY A 61 -1.96 -12.24 14.07
CA GLY A 61 -0.94 -13.18 13.63
C GLY A 61 -0.92 -13.43 12.13
N VAL A 62 -2.10 -13.50 11.53
CA VAL A 62 -2.25 -13.68 10.08
C VAL A 62 -1.89 -12.37 9.37
N LEU A 63 -2.60 -11.28 9.72
CA LEU A 63 -2.43 -9.96 9.08
C LEU A 63 -1.03 -9.43 9.13
N ARG A 64 -0.35 -9.58 10.30
CA ARG A 64 0.99 -9.07 10.50
C ARG A 64 2.06 -9.71 9.57
N LYS A 65 1.75 -10.86 8.97
CA LYS A 65 2.68 -11.54 8.05
C LYS A 65 2.50 -11.04 6.62
N THR A 66 1.61 -10.07 6.38
CA THR A 66 1.32 -9.66 5.00
C THR A 66 1.85 -8.28 4.64
N ARG A 67 2.56 -8.15 3.51
CA ARG A 67 3.03 -6.87 2.98
C ARG A 67 3.02 -6.99 1.48
N HIS A 68 1.91 -6.62 0.83
CA HIS A 68 1.77 -6.76 -0.63
C HIS A 68 0.67 -5.79 -1.06
N VAL A 69 0.81 -5.17 -2.25
CA VAL A 69 -0.16 -4.17 -2.75
C VAL A 69 -1.58 -4.73 -2.93
N ASN A 70 -1.73 -6.05 -3.09
CA ASN A 70 -3.05 -6.62 -3.30
C ASN A 70 -3.65 -7.18 -2.04
N ILE A 71 -3.05 -6.90 -0.89
CA ILE A 71 -3.62 -7.32 0.38
C ILE A 71 -3.88 -6.05 1.18
N LEU A 72 -5.04 -5.96 1.82
CA LEU A 72 -5.44 -4.84 2.70
C LEU A 72 -4.28 -4.60 3.68
N LEU A 73 -3.83 -3.36 3.76
CA LEU A 73 -2.65 -3.08 4.59
C LEU A 73 -2.92 -3.07 6.07
N PHE A 74 -2.34 -4.02 6.78
CA PHE A 74 -2.40 -4.08 8.22
C PHE A 74 -1.43 -3.03 8.75
N MET A 75 -1.89 -2.19 9.67
CA MET A 75 -1.06 -1.13 10.22
C MET A 75 -0.61 -1.34 11.64
N GLY A 76 -1.47 -1.93 12.47
CA GLY A 76 -1.14 -2.16 13.87
C GLY A 76 -2.32 -2.61 14.68
N TYR A 77 -2.08 -2.83 15.96
CA TYR A 77 -3.11 -3.28 16.86
C TYR A 77 -2.99 -2.55 18.17
N SER A 78 -4.06 -2.57 18.94
CA SER A 78 -4.08 -2.02 20.30
C SER A 78 -4.90 -2.96 21.14
N THR A 79 -4.59 -3.04 22.44
CA THR A 79 -5.39 -3.82 23.37
C THR A 79 -5.93 -2.88 24.48
N LYS A 80 -5.50 -1.60 24.50
CA LYS A 80 -5.90 -0.64 25.52
C LYS A 80 -6.50 0.65 24.91
N PRO A 81 -7.74 1.05 25.28
CA PRO A 81 -8.65 0.41 26.25
C PRO A 81 -9.39 -0.80 25.71
N GLN A 82 -9.38 -1.01 24.38
CA GLN A 82 -10.11 -2.11 23.75
C GLN A 82 -9.28 -2.79 22.68
N LEU A 83 -9.61 -4.07 22.41
CA LEU A 83 -8.92 -4.80 21.35
C LEU A 83 -9.27 -4.14 20.04
N ALA A 84 -8.24 -3.77 19.26
CA ALA A 84 -8.48 -3.10 17.98
C ALA A 84 -7.41 -3.46 16.99
N ILE A 85 -7.82 -3.66 15.73
CA ILE A 85 -6.93 -3.88 14.59
C ILE A 85 -7.13 -2.71 13.65
N VAL A 86 -6.02 -2.09 13.23
CA VAL A 86 -5.99 -0.92 12.36
C VAL A 86 -5.42 -1.28 11.01
N THR A 87 -6.13 -0.89 9.96
CA THR A 87 -5.70 -1.12 8.60
C THR A 87 -5.81 0.18 7.84
N GLN A 88 -5.31 0.18 6.58
CA GLN A 88 -5.45 1.37 5.76
C GLN A 88 -6.95 1.58 5.48
N TRP A 89 -7.31 2.81 5.13
CA TRP A 89 -8.68 3.11 4.76
C TRP A 89 -8.71 3.05 3.25
N CYS A 90 -9.60 2.25 2.69
CA CYS A 90 -9.72 2.24 1.24
C CYS A 90 -10.86 3.07 0.76
N GLU A 91 -10.56 3.94 -0.20
CA GLU A 91 -11.59 4.73 -0.79
C GLU A 91 -12.07 3.96 -2.02
N GLY A 92 -13.37 3.74 -2.08
CA GLY A 92 -14.00 3.02 -3.18
C GLY A 92 -15.08 2.08 -2.70
N SER A 93 -15.27 0.98 -3.43
CA SER A 93 -16.29 -0.01 -3.13
C SER A 93 -15.73 -1.40 -3.38
N SER A 94 -16.36 -2.44 -2.77
CA SER A 94 -15.97 -3.82 -3.00
C SER A 94 -16.40 -4.19 -4.42
N LEU A 95 -15.81 -5.25 -4.96
CA LEU A 95 -16.15 -5.76 -6.28
C LEU A 95 -17.64 -6.19 -6.31
N TYR A 96 -18.16 -6.78 -5.20
CA TYR A 96 -19.58 -7.19 -5.06
C TYR A 96 -20.48 -5.98 -5.23
N HIS A 97 -20.18 -4.88 -4.51
CA HIS A 97 -20.97 -3.64 -4.56
C HIS A 97 -21.01 -3.10 -5.99
N HIS A 98 -19.85 -3.09 -6.66
CA HIS A 98 -19.73 -2.64 -8.04
C HIS A 98 -20.56 -3.46 -8.98
N LEU A 99 -20.42 -4.79 -8.92
CA LEU A 99 -21.10 -5.67 -9.88
C LEU A 99 -22.57 -5.91 -9.62
N HIS A 100 -22.99 -5.92 -8.35
CA HIS A 100 -24.34 -6.35 -8.00
C HIS A 100 -25.23 -5.31 -7.34
N ILE A 101 -24.66 -4.18 -6.85
CA ILE A 101 -25.47 -3.14 -6.21
C ILE A 101 -25.61 -1.93 -7.13
N ILE A 102 -24.48 -1.29 -7.47
CA ILE A 102 -24.47 -0.13 -8.34
C ILE A 102 -24.31 -0.51 -9.82
N GLU A 103 -24.09 -1.81 -10.11
CA GLU A 103 -23.97 -2.37 -11.46
C GLU A 103 -23.02 -1.62 -12.41
N THR A 104 -21.81 -1.30 -11.92
CA THR A 104 -20.71 -0.66 -12.66
C THR A 104 -20.36 -1.54 -13.87
N LYS A 105 -20.19 -0.92 -15.03
CA LYS A 105 -19.88 -1.63 -16.27
C LYS A 105 -18.41 -1.45 -16.59
N PHE A 106 -17.59 -2.46 -16.27
CA PHE A 106 -16.15 -2.42 -16.53
C PHE A 106 -15.89 -2.99 -17.91
N GLU A 107 -14.84 -2.48 -18.58
CA GLU A 107 -14.39 -2.99 -19.87
C GLU A 107 -13.66 -4.31 -19.61
N MET A 108 -13.58 -5.20 -20.61
CA MET A 108 -12.95 -6.51 -20.52
C MET A 108 -11.50 -6.44 -20.01
N ILE A 109 -10.71 -5.47 -20.49
CA ILE A 109 -9.32 -5.27 -20.08
C ILE A 109 -9.23 -5.04 -18.56
N LYS A 110 -10.15 -4.22 -18.01
CA LYS A 110 -10.23 -3.91 -16.58
C LYS A 110 -10.73 -5.13 -15.78
N LEU A 111 -11.72 -5.88 -16.31
CA LEU A 111 -12.22 -7.11 -15.64
C LEU A 111 -11.08 -8.14 -15.52
N ILE A 112 -10.27 -8.32 -16.58
CA ILE A 112 -9.15 -9.27 -16.62
C ILE A 112 -8.05 -8.82 -15.66
N ASP A 113 -7.83 -7.51 -15.57
CA ASP A 113 -6.84 -6.96 -14.64
C ASP A 113 -7.28 -7.14 -13.17
N ILE A 114 -8.58 -7.03 -12.85
CA ILE A 114 -9.11 -7.23 -11.49
C ILE A 114 -8.85 -8.72 -11.12
N ALA A 115 -9.07 -9.63 -12.08
CA ALA A 115 -8.85 -11.08 -11.93
C ALA A 115 -7.35 -11.37 -11.69
N ARG A 116 -6.48 -10.69 -12.46
CA ARG A 116 -5.03 -10.85 -12.35
C ARG A 116 -4.53 -10.41 -10.97
N GLN A 117 -5.00 -9.23 -10.50
CA GLN A 117 -4.58 -8.67 -9.21
C GLN A 117 -5.04 -9.51 -8.03
N THR A 118 -6.26 -10.10 -8.13
CA THR A 118 -6.84 -10.97 -7.11
C THR A 118 -5.98 -12.23 -7.05
N ALA A 119 -5.63 -12.81 -8.22
CA ALA A 119 -4.79 -14.01 -8.31
C ALA A 119 -3.40 -13.69 -7.73
N GLN A 120 -2.89 -12.44 -7.93
CA GLN A 120 -1.61 -12.01 -7.40
C GLN A 120 -1.65 -12.00 -5.87
N GLY A 121 -2.71 -11.43 -5.30
CA GLY A 121 -2.88 -11.38 -3.86
C GLY A 121 -3.05 -12.75 -3.24
N MET A 122 -3.85 -13.61 -3.91
CA MET A 122 -4.09 -14.98 -3.44
C MET A 122 -2.83 -15.84 -3.50
N ASP A 123 -2.03 -15.68 -4.56
CA ASP A 123 -0.75 -16.38 -4.73
C ASP A 123 0.21 -15.99 -3.56
N TYR A 124 0.20 -14.69 -3.18
CA TYR A 124 0.96 -14.16 -2.07
C TYR A 124 0.54 -14.80 -0.76
N LEU A 125 -0.78 -14.82 -0.46
CA LEU A 125 -1.30 -15.40 0.78
C LEU A 125 -0.98 -16.88 0.86
N HIS A 126 -1.16 -17.61 -0.25
CA HIS A 126 -0.88 -19.05 -0.26
C HIS A 126 0.59 -19.37 -0.06
N ALA A 127 1.50 -18.52 -0.58
CA ALA A 127 2.94 -18.69 -0.41
C ALA A 127 3.31 -18.53 1.07
N LYS A 128 2.53 -17.73 1.82
CA LYS A 128 2.69 -17.53 3.27
C LYS A 128 1.84 -18.56 4.05
N SER A 129 1.33 -19.60 3.36
CA SER A 129 0.47 -20.66 3.92
C SER A 129 -0.82 -20.13 4.58
N ILE A 130 -1.37 -19.01 4.06
CA ILE A 130 -2.62 -18.44 4.55
C ILE A 130 -3.72 -18.88 3.60
N ILE A 131 -4.70 -19.65 4.10
CA ILE A 131 -5.89 -20.03 3.35
C ILE A 131 -6.90 -18.96 3.78
N HIS A 132 -7.47 -18.25 2.81
CA HIS A 132 -8.40 -17.16 3.11
C HIS A 132 -9.69 -17.70 3.75
N ARG A 133 -10.30 -18.75 3.16
CA ARG A 133 -11.51 -19.43 3.63
C ARG A 133 -12.80 -18.69 3.31
N ASP A 134 -12.73 -17.42 2.92
CA ASP A 134 -13.96 -16.71 2.58
C ASP A 134 -13.75 -15.75 1.45
N LEU A 135 -13.01 -16.19 0.44
CA LEU A 135 -12.81 -15.34 -0.73
C LEU A 135 -14.15 -15.24 -1.49
N LYS A 136 -14.51 -14.02 -1.87
CA LYS A 136 -15.73 -13.66 -2.60
C LYS A 136 -15.56 -12.22 -3.01
N SER A 137 -16.39 -11.74 -3.93
CA SER A 137 -16.33 -10.38 -4.47
C SER A 137 -16.52 -9.28 -3.41
N ASN A 138 -17.19 -9.58 -2.28
CA ASN A 138 -17.40 -8.70 -1.14
CA ASN A 138 -17.34 -8.59 -1.22
C ASN A 138 -16.07 -8.45 -0.40
N ASN A 139 -15.14 -9.43 -0.52
CA ASN A 139 -13.84 -9.37 0.16
C ASN A 139 -12.72 -8.87 -0.76
N ILE A 140 -13.08 -8.34 -1.93
CA ILE A 140 -12.16 -7.81 -2.91
C ILE A 140 -12.50 -6.34 -3.04
N PHE A 141 -11.65 -5.47 -2.51
CA PHE A 141 -11.90 -4.03 -2.56
C PHE A 141 -11.21 -3.39 -3.73
N LEU A 142 -11.90 -2.50 -4.43
CA LEU A 142 -11.30 -1.80 -5.57
C LEU A 142 -10.88 -0.42 -5.06
N HIS A 143 -9.66 -0.35 -4.54
CA HIS A 143 -9.11 0.88 -3.95
C HIS A 143 -8.84 1.88 -5.05
N GLU A 144 -9.45 3.09 -4.92
CA GLU A 144 -9.42 4.17 -5.93
C GLU A 144 -9.99 3.60 -7.25
N ASP A 145 -10.79 2.51 -7.12
CA ASP A 145 -11.41 1.71 -8.17
C ASP A 145 -10.37 1.32 -9.25
N LEU A 146 -9.15 0.95 -8.80
CA LEU A 146 -8.01 0.57 -9.64
C LEU A 146 -7.18 -0.59 -9.07
N THR A 147 -6.90 -0.56 -7.76
CA THR A 147 -6.05 -1.55 -7.12
C THR A 147 -6.88 -2.47 -6.29
N VAL A 148 -6.73 -3.77 -6.53
CA VAL A 148 -7.44 -4.79 -5.76
C VAL A 148 -6.77 -4.92 -4.40
N LYS A 149 -7.57 -4.90 -3.34
CA LYS A 149 -7.12 -5.15 -1.98
C LYS A 149 -7.98 -6.27 -1.47
N ILE A 150 -7.36 -7.43 -1.23
CA ILE A 150 -8.03 -8.56 -0.61
C ILE A 150 -7.99 -8.36 0.92
N GLY A 151 -9.12 -8.55 1.55
CA GLY A 151 -9.25 -8.55 2.99
C GLY A 151 -10.30 -9.57 3.38
N ASP A 152 -10.72 -9.55 4.63
CA ASP A 152 -11.83 -10.37 5.12
C ASP A 152 -12.63 -9.32 5.85
N PHE A 153 -13.56 -8.69 5.12
CA PHE A 153 -14.31 -7.53 5.58
C PHE A 153 -15.52 -7.84 6.48
N GLY A 154 -16.11 -9.03 6.35
CA GLY A 154 -17.26 -9.47 7.13
C GLY A 154 -16.88 -10.07 8.47
N SER A 172 -25.79 -17.14 6.15
CA SER A 172 -24.42 -17.16 5.63
C SER A 172 -24.36 -16.74 4.14
N GLY A 173 -23.88 -15.52 3.90
CA GLY A 173 -23.71 -14.96 2.56
C GLY A 173 -22.36 -15.30 1.95
N SER A 174 -22.09 -16.62 1.85
CA SER A 174 -20.83 -17.11 1.30
C SER A 174 -21.00 -18.47 0.60
N ILE A 175 -22.24 -19.02 0.57
CA ILE A 175 -22.47 -20.34 -0.03
C ILE A 175 -22.18 -20.39 -1.53
N LEU A 176 -22.40 -19.28 -2.25
CA LEU A 176 -22.18 -19.24 -3.70
C LEU A 176 -20.72 -19.46 -4.10
N TRP A 177 -19.78 -19.15 -3.18
CA TRP A 177 -18.35 -19.28 -3.39
C TRP A 177 -17.77 -20.54 -2.77
N MET A 178 -18.61 -21.35 -2.11
CA MET A 178 -18.19 -22.56 -1.41
C MET A 178 -17.95 -23.75 -2.29
N ALA A 179 -16.74 -24.32 -2.22
CA ALA A 179 -16.40 -25.51 -3.00
C ALA A 179 -17.30 -26.64 -2.57
N PRO A 180 -17.65 -27.61 -3.44
CA PRO A 180 -18.54 -28.73 -2.99
C PRO A 180 -18.05 -29.48 -1.74
N GLU A 181 -16.71 -29.66 -1.55
CA GLU A 181 -16.21 -30.39 -0.37
C GLU A 181 -16.37 -29.54 0.89
N VAL A 182 -16.41 -28.21 0.74
CA VAL A 182 -16.64 -27.30 1.87
C VAL A 182 -18.13 -27.35 2.24
N ILE A 183 -19.01 -27.34 1.22
CA ILE A 183 -20.45 -27.49 1.42
C ILE A 183 -20.75 -28.82 2.16
N ARG A 184 -20.16 -29.94 1.72
CA ARG A 184 -20.39 -31.27 2.29
C ARG A 184 -19.94 -31.47 3.74
N MET A 185 -18.78 -30.90 4.16
CA MET A 185 -18.20 -31.04 5.50
C MET A 185 -18.02 -32.50 5.97
N LYS A 188 -14.15 -32.23 10.83
CA LYS A 188 -13.31 -32.29 9.63
C LYS A 188 -12.81 -30.91 9.21
N ASN A 189 -11.80 -30.88 8.29
CA ASN A 189 -11.26 -29.64 7.74
C ASN A 189 -11.32 -29.71 6.20
N PRO A 190 -12.35 -29.10 5.57
CA PRO A 190 -12.47 -29.18 4.11
C PRO A 190 -11.75 -28.03 3.39
N TYR A 191 -11.10 -27.14 4.15
CA TYR A 191 -10.44 -25.96 3.63
C TYR A 191 -9.03 -26.22 3.17
N SER A 192 -8.71 -25.72 1.97
CA SER A 192 -7.39 -25.89 1.36
C SER A 192 -7.12 -24.77 0.39
N PHE A 193 -5.92 -24.76 -0.19
CA PHE A 193 -5.59 -23.82 -1.25
C PHE A 193 -6.62 -23.98 -2.40
N GLN A 194 -7.01 -25.25 -2.70
CA GLN A 194 -7.98 -25.62 -3.73
C GLN A 194 -9.41 -25.12 -3.47
N SER A 195 -9.82 -25.00 -2.20
CA SER A 195 -11.15 -24.45 -1.93
C SER A 195 -11.12 -22.94 -2.17
N ASP A 196 -9.97 -22.27 -1.92
CA ASP A 196 -9.78 -20.83 -2.24
C ASP A 196 -9.78 -20.63 -3.75
N VAL A 197 -9.18 -21.58 -4.50
CA VAL A 197 -9.18 -21.56 -5.96
C VAL A 197 -10.63 -21.65 -6.49
N TYR A 198 -11.45 -22.54 -5.92
CA TYR A 198 -12.85 -22.64 -6.32
C TYR A 198 -13.58 -21.31 -6.13
N ALA A 199 -13.43 -20.68 -4.96
CA ALA A 199 -14.04 -19.38 -4.65
C ALA A 199 -13.60 -18.35 -5.69
N PHE A 200 -12.30 -18.38 -6.08
CA PHE A 200 -11.77 -17.50 -7.13
C PHE A 200 -12.47 -17.77 -8.48
N GLY A 201 -12.76 -19.05 -8.76
CA GLY A 201 -13.49 -19.46 -9.95
C GLY A 201 -14.85 -18.78 -10.02
N ILE A 202 -15.52 -18.69 -8.87
CA ILE A 202 -16.82 -18.01 -8.76
C ILE A 202 -16.67 -16.48 -8.98
N VAL A 203 -15.58 -15.89 -8.48
CA VAL A 203 -15.28 -14.47 -8.66
C VAL A 203 -15.09 -14.24 -10.16
N LEU A 204 -14.37 -15.16 -10.81
CA LEU A 204 -14.16 -15.12 -12.25
C LEU A 204 -15.51 -15.15 -12.95
N TYR A 205 -16.45 -15.99 -12.47
CA TYR A 205 -17.79 -16.09 -13.06
C TYR A 205 -18.50 -14.76 -12.92
N GLU A 206 -18.42 -14.14 -11.73
CA GLU A 206 -19.05 -12.85 -11.49
C GLU A 206 -18.53 -11.76 -12.42
N LEU A 207 -17.21 -11.72 -12.63
CA LEU A 207 -16.56 -10.72 -13.49
C LEU A 207 -17.00 -10.87 -14.94
N MET A 208 -16.98 -12.11 -15.44
CA MET A 208 -17.28 -12.45 -16.83
C MET A 208 -18.79 -12.48 -17.16
N THR A 209 -19.68 -12.61 -16.17
CA THR A 209 -21.12 -12.62 -16.48
C THR A 209 -21.82 -11.36 -15.97
N GLY A 210 -21.22 -10.72 -14.96
CA GLY A 210 -21.78 -9.57 -14.28
C GLY A 210 -22.85 -10.02 -13.30
N GLN A 211 -22.95 -11.34 -13.06
CA GLN A 211 -24.00 -11.90 -12.22
C GLN A 211 -23.51 -12.88 -11.19
N LEU A 212 -24.33 -13.12 -10.18
CA LEU A 212 -24.05 -14.14 -9.18
C LEU A 212 -24.50 -15.49 -9.77
N PRO A 213 -23.84 -16.63 -9.47
CA PRO A 213 -24.34 -17.89 -10.03
C PRO A 213 -25.67 -18.28 -9.38
N TYR A 214 -26.46 -19.13 -10.08
CA TYR A 214 -27.71 -19.73 -9.58
C TYR A 214 -28.82 -18.73 -9.34
N SER A 215 -28.87 -17.65 -10.13
CA SER A 215 -29.86 -16.59 -9.98
C SER A 215 -31.31 -17.03 -10.27
N ASN A 216 -31.49 -18.18 -10.93
CA ASN A 216 -32.82 -18.71 -11.24
C ASN A 216 -33.28 -19.78 -10.22
N ILE A 217 -32.55 -19.93 -9.11
CA ILE A 217 -32.90 -20.84 -8.01
C ILE A 217 -33.15 -19.93 -6.81
N ASN A 218 -34.37 -19.97 -6.28
CA ASN A 218 -34.74 -19.08 -5.18
C ASN A 218 -34.63 -19.76 -3.79
N ASN A 219 -34.17 -21.03 -3.77
CA ASN A 219 -34.06 -21.84 -2.55
C ASN A 219 -32.62 -22.12 -2.19
N ARG A 220 -32.18 -21.58 -1.05
CA ARG A 220 -30.82 -21.74 -0.53
C ARG A 220 -30.46 -23.20 -0.19
N ASP A 221 -31.39 -23.96 0.46
CA ASP A 221 -31.17 -25.38 0.83
C ASP A 221 -30.86 -26.23 -0.40
N GLN A 222 -31.60 -25.97 -1.49
CA GLN A 222 -31.46 -26.70 -2.76
C GLN A 222 -30.11 -26.42 -3.37
N ILE A 223 -29.67 -25.15 -3.36
CA ILE A 223 -28.35 -24.77 -3.88
C ILE A 223 -27.27 -25.54 -3.09
N ILE A 224 -27.31 -25.46 -1.73
CA ILE A 224 -26.36 -26.13 -0.84
C ILE A 224 -26.30 -27.63 -1.17
N PHE A 225 -27.46 -28.29 -1.16
CA PHE A 225 -27.56 -29.71 -1.43
C PHE A 225 -27.02 -30.10 -2.81
N MET A 226 -27.43 -29.36 -3.84
CA MET A 226 -27.05 -29.71 -5.22
C MET A 226 -25.61 -29.42 -5.53
N VAL A 227 -25.06 -28.32 -5.04
CA VAL A 227 -23.62 -28.02 -5.29
C VAL A 227 -22.78 -29.10 -4.57
N GLY A 228 -23.14 -29.41 -3.33
CA GLY A 228 -22.47 -30.45 -2.54
C GLY A 228 -22.51 -31.83 -3.17
N ARG A 229 -23.61 -32.17 -3.87
CA ARG A 229 -23.73 -33.46 -4.56
C ARG A 229 -23.11 -33.43 -5.98
N GLY A 230 -22.74 -32.24 -6.44
CA GLY A 230 -22.20 -32.04 -7.77
C GLY A 230 -23.29 -32.08 -8.82
N TYR A 231 -24.56 -31.92 -8.41
CA TYR A 231 -25.67 -31.94 -9.38
C TYR A 231 -25.75 -30.58 -10.08
N LEU A 232 -25.28 -29.56 -9.40
CA LEU A 232 -25.39 -28.18 -9.83
C LEU A 232 -24.02 -27.54 -9.85
N SER A 233 -23.77 -26.76 -10.90
CA SER A 233 -22.54 -26.03 -11.07
C SER A 233 -22.84 -24.74 -11.89
N PRO A 234 -21.96 -23.69 -11.85
CA PRO A 234 -22.27 -22.45 -12.59
C PRO A 234 -22.41 -22.67 -14.09
N ASP A 235 -23.37 -21.94 -14.68
CA ASP A 235 -23.68 -21.99 -16.10
C ASP A 235 -22.66 -21.12 -16.83
N LEU A 236 -21.59 -21.73 -17.37
CA LEU A 236 -20.52 -21.01 -18.05
C LEU A 236 -20.93 -20.41 -19.40
N SER A 237 -22.10 -20.80 -19.95
CA SER A 237 -22.55 -20.24 -21.21
C SER A 237 -23.04 -18.79 -21.04
N LYS A 238 -23.16 -18.32 -19.78
CA LYS A 238 -23.58 -16.96 -19.42
C LYS A 238 -22.47 -15.90 -19.55
N VAL A 239 -21.23 -16.32 -19.83
CA VAL A 239 -20.10 -15.39 -19.96
C VAL A 239 -20.35 -14.40 -21.10
N ARG A 240 -19.88 -13.15 -20.95
CA ARG A 240 -20.01 -12.11 -21.99
C ARG A 240 -19.40 -12.62 -23.31
N SER A 241 -19.86 -12.09 -24.45
CA SER A 241 -19.37 -12.49 -25.76
C SER A 241 -17.89 -12.11 -25.96
N ASN A 242 -17.47 -10.97 -25.38
CA ASN A 242 -16.08 -10.48 -25.49
C ASN A 242 -15.12 -11.13 -24.48
N CYS A 243 -15.60 -12.16 -23.74
CA CYS A 243 -14.81 -12.92 -22.78
C CYS A 243 -13.87 -13.87 -23.55
N PRO A 244 -12.53 -13.79 -23.35
CA PRO A 244 -11.61 -14.67 -24.12
C PRO A 244 -11.82 -16.15 -23.78
N LYS A 245 -11.59 -17.04 -24.78
CA LYS A 245 -11.78 -18.49 -24.65
C LYS A 245 -10.89 -19.11 -23.55
N ALA A 246 -9.65 -18.60 -23.39
CA ALA A 246 -8.70 -19.07 -22.37
C ALA A 246 -9.19 -18.75 -20.95
N MET A 247 -9.93 -17.63 -20.79
CA MET A 247 -10.50 -17.21 -19.51
C MET A 247 -11.60 -18.19 -19.12
N LYS A 248 -12.48 -18.53 -20.09
CA LYS A 248 -13.57 -19.49 -19.89
C LYS A 248 -13.02 -20.86 -19.48
N ARG A 249 -11.88 -21.28 -20.07
CA ARG A 249 -11.19 -22.56 -19.77
C ARG A 249 -10.60 -22.51 -18.36
N LEU A 250 -10.02 -21.37 -17.99
CA LEU A 250 -9.45 -21.18 -16.65
C LEU A 250 -10.55 -21.26 -15.58
N MET A 251 -11.67 -20.58 -15.84
CA MET A 251 -12.86 -20.57 -15.00
C MET A 251 -13.30 -22.01 -14.75
N ALA A 252 -13.44 -22.81 -15.83
CA ALA A 252 -13.81 -24.23 -15.80
C ALA A 252 -12.85 -25.06 -14.92
N GLU A 253 -11.53 -24.81 -15.03
CA GLU A 253 -10.51 -25.50 -14.23
C GLU A 253 -10.57 -25.15 -12.72
N CYS A 254 -10.76 -23.85 -12.38
CA CYS A 254 -10.90 -23.37 -11.00
C CYS A 254 -12.16 -23.93 -10.37
N LEU A 255 -13.22 -24.16 -11.18
CA LEU A 255 -14.52 -24.65 -10.69
C LEU A 255 -14.67 -26.19 -10.65
N LYS A 256 -13.63 -26.97 -10.99
CA LYS A 256 -13.69 -28.47 -10.99
C LYS A 256 -14.27 -28.97 -9.68
N LYS A 257 -15.27 -29.86 -9.73
CA LYS A 257 -15.93 -30.41 -8.55
C LYS A 257 -14.99 -31.15 -7.62
N LYS A 258 -13.97 -31.80 -8.19
CA LYS A 258 -12.94 -32.53 -7.45
C LYS A 258 -11.81 -31.54 -7.17
N ARG A 259 -11.48 -31.33 -5.90
CA ARG A 259 -10.45 -30.35 -5.53
C ARG A 259 -9.07 -30.63 -6.11
N ASP A 260 -8.70 -31.91 -6.26
CA ASP A 260 -7.39 -32.28 -6.81
C ASP A 260 -7.18 -31.89 -8.27
N GLU A 261 -8.28 -31.66 -9.00
CA GLU A 261 -8.23 -31.30 -10.42
C GLU A 261 -8.03 -29.80 -10.64
N ARG A 262 -8.14 -29.00 -9.57
CA ARG A 262 -8.02 -27.54 -9.67
C ARG A 262 -6.59 -27.08 -9.70
N PRO A 263 -6.27 -26.05 -10.55
CA PRO A 263 -4.91 -25.51 -10.56
C PRO A 263 -4.66 -24.69 -9.30
N LEU A 264 -3.38 -24.37 -9.02
CA LEU A 264 -3.04 -23.51 -7.90
C LEU A 264 -2.76 -22.12 -8.43
N PHE A 265 -2.74 -21.11 -7.56
CA PHE A 265 -2.57 -19.72 -7.99
C PHE A 265 -1.31 -19.43 -8.83
N PRO A 266 -0.11 -20.07 -8.68
CA PRO A 266 1.00 -19.74 -9.64
C PRO A 266 0.60 -20.07 -11.09
N GLN A 267 -0.15 -21.17 -11.31
CA GLN A 267 -0.62 -21.55 -12.64
C GLN A 267 -1.78 -20.64 -13.11
N ILE A 268 -2.70 -20.28 -12.21
CA ILE A 268 -3.84 -19.39 -12.53
C ILE A 268 -3.26 -18.03 -12.97
N LEU A 269 -2.32 -17.51 -12.20
CA LEU A 269 -1.61 -16.27 -12.46
C LEU A 269 -0.94 -16.25 -13.84
N ALA A 270 -0.19 -17.31 -14.17
CA ALA A 270 0.46 -17.46 -15.48
C ALA A 270 -0.56 -17.47 -16.63
N SER A 271 -1.74 -18.08 -16.44
CA SER A 271 -2.79 -18.14 -17.46
C SER A 271 -3.40 -16.76 -17.70
N ILE A 272 -3.72 -16.02 -16.61
CA ILE A 272 -4.29 -14.68 -16.70
C ILE A 272 -3.33 -13.70 -17.38
N GLU A 273 -2.06 -13.70 -16.95
CA GLU A 273 -1.02 -12.83 -17.51
C GLU A 273 -0.93 -13.00 -19.03
N LEU A 274 -0.89 -14.25 -19.50
CA LEU A 274 -0.85 -14.63 -20.91
C LEU A 274 -2.08 -14.17 -21.70
N LEU A 275 -3.32 -14.49 -21.24
CA LEU A 275 -4.53 -14.07 -21.95
C LEU A 275 -4.72 -12.53 -21.97
N ALA A 276 -4.15 -11.81 -20.98
CA ALA A 276 -4.18 -10.35 -20.91
C ALA A 276 -3.25 -9.75 -21.99
N ARG A 277 -2.13 -10.44 -22.31
CA ARG A 277 -1.19 -10.00 -23.33
C ARG A 277 -1.77 -10.23 -24.73
N SER A 278 -2.56 -11.32 -24.88
CA SER A 278 -3.19 -11.75 -26.14
C SER A 278 -4.49 -10.98 -26.51
N LEU A 279 -4.88 -9.94 -25.74
CA LEU A 279 -6.07 -9.13 -26.03
C LEU A 279 -5.76 -8.13 -27.16
N ASP B 6 13.12 -14.25 10.33
CA ASP B 6 11.87 -13.54 10.56
C ASP B 6 10.90 -13.77 9.39
N ASP B 7 9.63 -13.32 9.55
CA ASP B 7 8.64 -13.47 8.49
C ASP B 7 8.92 -12.54 7.27
N TRP B 8 9.88 -11.58 7.38
CA TRP B 8 10.26 -10.74 6.23
C TRP B 8 11.38 -11.31 5.43
N GLU B 9 12.01 -12.37 5.90
CA GLU B 9 13.08 -12.96 5.12
C GLU B 9 12.45 -13.72 3.99
N ILE B 10 12.67 -13.24 2.77
CA ILE B 10 12.08 -13.91 1.59
C ILE B 10 12.72 -15.28 1.39
N PRO B 11 11.95 -16.34 1.01
CA PRO B 11 12.58 -17.64 0.78
C PRO B 11 13.64 -17.56 -0.33
N ASP B 12 14.70 -18.36 -0.19
CA ASP B 12 15.82 -18.38 -1.12
C ASP B 12 15.39 -18.76 -2.54
N GLY B 13 16.01 -18.14 -3.54
CA GLY B 13 15.78 -18.46 -4.94
C GLY B 13 14.42 -18.12 -5.52
N GLN B 14 13.80 -17.04 -5.03
CA GLN B 14 12.49 -16.58 -5.51
C GLN B 14 12.58 -15.24 -6.22
N ILE B 15 13.37 -14.31 -5.71
CA ILE B 15 13.50 -12.98 -6.31
C ILE B 15 14.25 -13.05 -7.65
N THR B 16 13.76 -12.31 -8.66
CA THR B 16 14.48 -12.14 -9.93
C THR B 16 14.52 -10.67 -10.22
N VAL B 17 15.57 -10.21 -10.88
CA VAL B 17 15.74 -8.81 -11.24
C VAL B 17 15.81 -8.67 -12.74
N GLY B 18 15.19 -7.62 -13.23
CA GLY B 18 15.17 -7.30 -14.65
C GLY B 18 16.06 -6.11 -14.90
N GLN B 19 15.45 -5.01 -15.39
CA GLN B 19 16.16 -3.77 -15.72
C GLN B 19 16.80 -3.06 -14.53
N ARG B 20 18.10 -2.71 -14.69
CA ARG B 20 18.84 -1.92 -13.72
C ARG B 20 18.27 -0.50 -13.83
N ILE B 21 17.86 0.07 -12.70
CA ILE B 21 17.21 1.38 -12.66
C ILE B 21 18.17 2.47 -12.12
N GLY B 22 19.05 2.09 -11.21
CA GLY B 22 20.03 3.00 -10.64
C GLY B 22 20.84 2.41 -9.52
N SER B 23 21.31 3.29 -8.62
CA SER B 23 22.10 2.96 -7.43
C SER B 23 21.42 3.48 -6.17
N GLY B 24 21.34 2.65 -5.14
CA GLY B 24 20.72 3.01 -3.88
C GLY B 24 21.70 3.60 -2.89
N SER B 25 21.49 3.27 -1.59
CA SER B 25 22.32 3.67 -0.45
C SER B 25 23.58 2.80 -0.53
N PHE B 26 23.35 1.49 -0.52
CA PHE B 26 24.31 0.43 -0.73
C PHE B 26 23.81 -0.25 -2.02
N GLY B 27 24.72 -0.52 -2.94
CA GLY B 27 24.39 -1.23 -4.17
C GLY B 27 23.47 -0.60 -5.21
N THR B 28 22.86 -1.49 -6.01
CA THR B 28 22.09 -1.24 -7.21
C THR B 28 20.57 -1.52 -7.07
N VAL B 29 19.76 -0.70 -7.73
CA VAL B 29 18.32 -0.84 -7.75
C VAL B 29 17.88 -1.37 -9.10
N TYR B 30 17.01 -2.39 -9.07
CA TYR B 30 16.45 -3.01 -10.26
C TYR B 30 14.94 -3.06 -10.17
N LYS B 31 14.28 -3.19 -11.33
CA LYS B 31 12.85 -3.51 -11.36
C LYS B 31 12.94 -5.03 -11.37
N GLY B 32 12.18 -5.70 -10.51
CA GLY B 32 12.23 -7.16 -10.43
C GLY B 32 10.89 -7.82 -10.25
N LYS B 33 10.92 -9.08 -9.92
CA LYS B 33 9.71 -9.89 -9.76
C LYS B 33 9.78 -10.69 -8.50
N TRP B 34 8.70 -10.62 -7.71
CA TRP B 34 8.50 -11.39 -6.50
C TRP B 34 7.06 -11.15 -6.13
N HIS B 35 6.18 -12.09 -6.51
CA HIS B 35 4.72 -11.91 -6.33
C HIS B 35 4.31 -10.62 -7.06
N GLY B 36 4.73 -10.50 -8.31
CA GLY B 36 4.45 -9.34 -9.15
C GLY B 36 5.63 -8.41 -9.21
N ASP B 37 5.45 -7.23 -9.81
CA ASP B 37 6.53 -6.24 -9.94
C ASP B 37 6.94 -5.75 -8.58
N VAL B 38 8.26 -5.60 -8.40
CA VAL B 38 8.87 -5.10 -7.16
C VAL B 38 10.09 -4.31 -7.55
N ALA B 39 10.60 -3.54 -6.63
CA ALA B 39 11.86 -2.85 -6.80
C ALA B 39 12.80 -3.63 -5.90
N VAL B 40 14.01 -3.91 -6.36
CA VAL B 40 14.98 -4.67 -5.58
C VAL B 40 16.29 -3.87 -5.45
N LYS B 41 16.75 -3.64 -4.23
CA LYS B 41 18.00 -2.96 -3.99
C LYS B 41 18.96 -4.05 -3.57
N MET B 42 20.00 -4.28 -4.36
CA MET B 42 20.96 -5.36 -4.15
C MET B 42 22.39 -4.90 -4.04
N LEU B 43 23.19 -5.65 -3.27
CA LEU B 43 24.63 -5.39 -3.17
C LEU B 43 25.31 -6.32 -4.21
N ASN B 44 25.83 -5.73 -5.30
CA ASN B 44 26.47 -6.36 -6.47
C ASN B 44 27.59 -7.37 -6.19
N VAL B 45 28.13 -7.41 -4.96
CA VAL B 45 29.21 -8.31 -4.56
C VAL B 45 28.70 -9.47 -3.68
N THR B 46 29.39 -10.62 -3.72
CA THR B 46 29.07 -11.82 -2.95
C THR B 46 29.82 -11.91 -1.61
N ALA B 47 30.68 -10.90 -1.32
CA ALA B 47 31.46 -10.78 -0.09
C ALA B 47 31.21 -9.40 0.56
N PRO B 48 30.09 -9.21 1.31
CA PRO B 48 29.83 -7.89 1.90
C PRO B 48 30.80 -7.52 3.03
N THR B 49 31.24 -6.24 3.06
CA THR B 49 32.12 -5.70 4.11
C THR B 49 31.31 -5.61 5.43
N PRO B 50 31.95 -5.55 6.63
CA PRO B 50 31.16 -5.50 7.88
C PRO B 50 30.23 -4.28 7.97
N GLN B 51 30.67 -3.14 7.39
CA GLN B 51 29.88 -1.92 7.37
C GLN B 51 28.70 -1.99 6.38
N GLN B 52 28.85 -2.75 5.28
CA GLN B 52 27.79 -2.94 4.29
C GLN B 52 26.68 -3.81 4.90
N LEU B 53 27.07 -4.89 5.59
CA LEU B 53 26.17 -5.78 6.30
C LEU B 53 25.41 -4.99 7.38
N GLN B 54 26.13 -4.11 8.11
CA GLN B 54 25.52 -3.28 9.15
C GLN B 54 24.53 -2.28 8.59
N ALA B 55 24.90 -1.57 7.50
CA ALA B 55 24.03 -0.59 6.83
C ALA B 55 22.76 -1.27 6.29
N PHE B 56 22.89 -2.51 5.81
CA PHE B 56 21.78 -3.34 5.34
C PHE B 56 20.87 -3.67 6.52
N LYS B 57 21.45 -4.15 7.63
CA LYS B 57 20.66 -4.50 8.81
C LYS B 57 19.92 -3.28 9.36
N ASN B 58 20.56 -2.10 9.34
CA ASN B 58 19.96 -0.85 9.81
C ASN B 58 18.82 -0.43 8.92
N GLU B 59 19.02 -0.47 7.59
CA GLU B 59 17.95 -0.10 6.66
C GLU B 59 16.73 -1.03 6.78
N VAL B 60 16.97 -2.34 6.94
CA VAL B 60 15.89 -3.31 7.10
C VAL B 60 15.14 -3.03 8.45
N GLY B 61 15.89 -2.68 9.50
CA GLY B 61 15.36 -2.40 10.83
C GLY B 61 14.40 -1.24 10.82
N VAL B 62 14.74 -0.21 10.03
CA VAL B 62 13.93 1.00 9.81
C VAL B 62 12.66 0.60 9.00
N LEU B 63 12.87 0.09 7.77
CA LEU B 63 11.78 -0.27 6.86
C LEU B 63 10.74 -1.23 7.42
N ARG B 64 11.15 -2.27 8.19
CA ARG B 64 10.22 -3.26 8.77
C ARG B 64 9.26 -2.67 9.79
N LYS B 65 9.58 -1.47 10.32
CA LYS B 65 8.70 -0.80 11.29
C LYS B 65 7.68 0.09 10.59
N THR B 66 7.69 0.15 9.24
CA THR B 66 6.77 1.08 8.55
C THR B 66 5.63 0.35 7.84
N ARG B 67 4.39 0.79 8.06
CA ARG B 67 3.19 0.22 7.44
C ARG B 67 2.24 1.39 7.31
N HIS B 68 2.35 2.14 6.23
CA HIS B 68 1.53 3.35 6.05
C HIS B 68 1.38 3.62 4.55
N VAL B 69 0.23 4.10 4.09
CA VAL B 69 0.02 4.32 2.65
C VAL B 69 0.96 5.36 2.06
N ASN B 70 1.49 6.26 2.88
CA ASN B 70 2.35 7.31 2.35
C ASN B 70 3.83 6.96 2.48
N ILE B 71 4.14 5.71 2.85
CA ILE B 71 5.53 5.23 2.93
C ILE B 71 5.69 4.12 1.93
N LEU B 72 6.75 4.18 1.12
CA LEU B 72 7.06 3.11 0.15
C LEU B 72 6.96 1.77 0.91
N LEU B 73 6.22 0.80 0.36
CA LEU B 73 5.98 -0.47 1.04
C LEU B 73 7.17 -1.41 0.99
N PHE B 74 7.75 -1.67 2.16
CA PHE B 74 8.81 -2.66 2.36
C PHE B 74 8.11 -4.02 2.29
N MET B 75 8.66 -4.96 1.51
CA MET B 75 8.06 -6.30 1.36
C MET B 75 8.89 -7.41 1.97
N GLY B 76 10.19 -7.22 1.97
CA GLY B 76 11.07 -8.23 2.55
C GLY B 76 12.52 -8.03 2.20
N TYR B 77 13.33 -8.97 2.62
CA TYR B 77 14.74 -8.91 2.36
C TYR B 77 15.31 -10.29 2.10
N SER B 78 16.52 -10.33 1.57
CA SER B 78 17.21 -11.59 1.38
C SER B 78 18.67 -11.34 1.65
N THR B 79 19.41 -12.37 2.10
CA THR B 79 20.87 -12.25 2.30
C THR B 79 21.57 -13.32 1.45
N LYS B 80 20.80 -14.20 0.80
CA LYS B 80 21.26 -15.35 0.00
C LYS B 80 20.69 -15.29 -1.43
N PRO B 81 21.53 -15.16 -2.48
CA PRO B 81 23.01 -15.16 -2.45
C PRO B 81 23.60 -13.78 -2.21
N GLN B 82 22.77 -12.74 -2.21
CA GLN B 82 23.21 -11.35 -2.06
C GLN B 82 22.31 -10.58 -1.14
N LEU B 83 22.83 -9.50 -0.54
CA LEU B 83 21.98 -8.66 0.32
C LEU B 83 20.99 -7.94 -0.56
N ALA B 84 19.68 -8.15 -0.33
CA ALA B 84 18.66 -7.51 -1.14
C ALA B 84 17.50 -7.06 -0.30
N ILE B 85 16.98 -5.88 -0.62
CA ILE B 85 15.79 -5.33 0.02
C ILE B 85 14.77 -5.18 -1.08
N VAL B 86 13.56 -5.72 -0.87
CA VAL B 86 12.45 -5.72 -1.82
C VAL B 86 11.35 -4.79 -1.34
N THR B 87 10.84 -3.95 -2.26
CA THR B 87 9.75 -3.04 -1.95
C THR B 87 8.74 -3.14 -3.06
N GLN B 88 7.57 -2.53 -2.91
CA GLN B 88 6.60 -2.50 -4.01
C GLN B 88 7.25 -1.72 -5.19
N TRP B 89 6.74 -1.92 -6.38
CA TRP B 89 7.14 -1.21 -7.57
C TRP B 89 6.06 -0.14 -7.80
N CYS B 90 6.47 1.12 -7.82
CA CYS B 90 5.52 2.19 -8.04
C CYS B 90 5.44 2.63 -9.48
N GLU B 91 4.22 2.73 -10.02
CA GLU B 91 3.97 3.22 -11.36
C GLU B 91 3.74 4.72 -11.26
N GLY B 92 4.40 5.46 -12.12
CA GLY B 92 4.29 6.91 -12.12
C GLY B 92 5.65 7.56 -12.11
N SER B 93 5.73 8.73 -11.44
CA SER B 93 6.98 9.48 -11.38
C SER B 93 7.15 10.18 -10.05
N SER B 94 8.39 10.53 -9.75
CA SER B 94 8.74 11.29 -8.57
C SER B 94 8.17 12.70 -8.74
N LEU B 95 7.95 13.40 -7.62
CA LEU B 95 7.48 14.76 -7.64
C LEU B 95 8.52 15.66 -8.36
N TYR B 96 9.84 15.36 -8.21
CA TYR B 96 10.92 16.09 -8.89
C TYR B 96 10.71 16.01 -10.39
N HIS B 97 10.50 14.76 -10.89
CA HIS B 97 10.27 14.54 -12.31
C HIS B 97 9.05 15.31 -12.81
N HIS B 98 7.96 15.33 -12.03
CA HIS B 98 6.74 16.05 -12.40
C HIS B 98 6.92 17.56 -12.39
N LEU B 99 7.53 18.13 -11.36
CA LEU B 99 7.68 19.58 -11.31
C LEU B 99 8.78 20.15 -12.19
N HIS B 100 9.91 19.45 -12.29
CA HIS B 100 11.09 20.03 -12.94
C HIS B 100 11.53 19.40 -14.27
N ILE B 101 11.10 18.18 -14.60
CA ILE B 101 11.50 17.55 -15.85
C ILE B 101 10.40 17.67 -16.89
N ILE B 102 9.21 17.09 -16.62
CA ILE B 102 8.11 17.17 -17.58
C ILE B 102 7.22 18.40 -17.32
N GLU B 103 7.46 19.10 -16.19
CA GLU B 103 6.75 20.32 -15.79
C GLU B 103 5.22 20.17 -15.80
N THR B 104 4.70 19.16 -15.06
CA THR B 104 3.28 18.88 -14.87
C THR B 104 2.68 20.11 -14.19
N LYS B 105 1.54 20.56 -14.72
CA LYS B 105 0.82 21.73 -14.21
C LYS B 105 -0.31 21.22 -13.34
N PHE B 106 -0.05 21.15 -12.03
CA PHE B 106 -1.04 20.68 -11.08
C PHE B 106 -1.92 21.84 -10.65
N GLU B 107 -3.18 21.54 -10.32
CA GLU B 107 -4.11 22.51 -9.78
C GLU B 107 -3.74 22.69 -8.32
N MET B 108 -4.02 23.87 -7.77
CA MET B 108 -3.72 24.20 -6.37
C MET B 108 -4.22 23.14 -5.37
N ILE B 109 -5.44 22.62 -5.56
CA ILE B 109 -6.02 21.59 -4.70
C ILE B 109 -5.11 20.35 -4.61
N LYS B 110 -4.58 19.90 -5.76
CA LYS B 110 -3.66 18.75 -5.89
C LYS B 110 -2.27 19.05 -5.26
N LEU B 111 -1.73 20.27 -5.43
CA LEU B 111 -0.45 20.65 -4.82
C LEU B 111 -0.56 20.61 -3.28
N ILE B 112 -1.71 21.08 -2.75
CA ILE B 112 -1.99 21.10 -1.31
C ILE B 112 -2.19 19.66 -0.82
N ASP B 113 -2.81 18.82 -1.65
CA ASP B 113 -2.99 17.41 -1.32
C ASP B 113 -1.64 16.67 -1.29
N ILE B 114 -0.73 16.94 -2.24
CA ILE B 114 0.61 16.32 -2.28
C ILE B 114 1.37 16.74 -1.00
N ALA B 115 1.26 18.03 -0.63
CA ALA B 115 1.89 18.55 0.60
C ALA B 115 1.34 17.81 1.84
N ARG B 116 0.02 17.65 1.92
CA ARG B 116 -0.68 17.03 3.03
C ARG B 116 -0.24 15.58 3.18
N GLN B 117 -0.19 14.84 2.06
CA GLN B 117 0.21 13.44 2.04
C GLN B 117 1.65 13.25 2.44
N THR B 118 2.54 14.18 2.02
CA THR B 118 3.96 14.14 2.37
C THR B 118 4.09 14.40 3.87
N ALA B 119 3.37 15.40 4.40
CA ALA B 119 3.38 15.71 5.84
C ALA B 119 2.79 14.52 6.63
N GLN B 120 1.80 13.81 6.05
CA GLN B 120 1.19 12.63 6.66
C GLN B 120 2.24 11.51 6.81
N GLY B 121 3.00 11.27 5.76
CA GLY B 121 4.07 10.27 5.76
C GLY B 121 5.18 10.65 6.72
N MET B 122 5.57 11.93 6.71
CA MET B 122 6.64 12.41 7.60
C MET B 122 6.24 12.36 9.08
N ASP B 123 4.99 12.71 9.38
CA ASP B 123 4.44 12.66 10.73
C ASP B 123 4.52 11.23 11.22
N TYR B 124 4.19 10.26 10.33
CA TYR B 124 4.22 8.85 10.63
C TYR B 124 5.67 8.41 10.97
N LEU B 125 6.64 8.77 10.11
CA LEU B 125 8.07 8.44 10.33
C LEU B 125 8.58 9.00 11.63
N HIS B 126 8.26 10.28 11.90
CA HIS B 126 8.71 10.92 13.14
C HIS B 126 8.10 10.31 14.40
N ALA B 127 6.83 9.84 14.33
CA ALA B 127 6.17 9.19 15.48
C ALA B 127 6.87 7.86 15.81
N LYS B 128 7.54 7.26 14.83
CA LYS B 128 8.32 6.03 14.98
C LYS B 128 9.80 6.37 15.20
N SER B 129 10.13 7.64 15.52
CA SER B 129 11.50 8.14 15.75
C SER B 129 12.41 7.94 14.55
N ILE B 130 11.83 7.96 13.34
CA ILE B 130 12.62 7.81 12.14
C ILE B 130 12.86 9.21 11.54
N ILE B 131 14.12 9.62 11.46
CA ILE B 131 14.53 10.88 10.81
C ILE B 131 14.83 10.46 9.38
N HIS B 132 14.22 11.12 8.39
CA HIS B 132 14.45 10.72 7.02
C HIS B 132 15.91 11.04 6.61
N ARG B 133 16.40 12.27 6.88
CA ARG B 133 17.76 12.75 6.54
C ARG B 133 17.93 13.12 5.07
N ASP B 134 17.02 12.69 4.18
CA ASP B 134 17.17 13.05 2.76
C ASP B 134 15.85 13.33 2.07
N LEU B 135 14.96 14.05 2.75
CA LEU B 135 13.67 14.39 2.16
C LEU B 135 13.87 15.44 1.05
N LYS B 136 13.35 15.16 -0.11
CA LYS B 136 13.46 16.04 -1.27
C LYS B 136 12.43 15.54 -2.24
N SER B 137 12.07 16.35 -3.24
CA SER B 137 11.05 15.96 -4.22
C SER B 137 11.38 14.69 -5.00
N ASN B 138 12.69 14.32 -5.12
CA ASN B 138 13.13 13.09 -5.81
C ASN B 138 12.74 11.85 -5.01
N ASN B 139 12.57 12.03 -3.68
CA ASN B 139 12.21 10.95 -2.77
C ASN B 139 10.72 10.91 -2.43
N ILE B 140 9.92 11.64 -3.20
CA ILE B 140 8.47 11.69 -3.07
C ILE B 140 7.91 11.16 -4.36
N PHE B 141 7.37 9.93 -4.33
CA PHE B 141 6.84 9.31 -5.53
C PHE B 141 5.33 9.51 -5.63
N LEU B 142 4.83 9.91 -6.82
CA LEU B 142 3.40 10.06 -7.01
C LEU B 142 2.91 8.77 -7.67
N HIS B 143 2.54 7.79 -6.84
CA HIS B 143 2.09 6.46 -7.26
C HIS B 143 0.74 6.59 -7.96
N GLU B 144 0.69 6.16 -9.25
CA GLU B 144 -0.48 6.26 -10.13
C GLU B 144 -0.84 7.75 -10.27
N ASP B 145 0.18 8.60 -10.01
CA ASP B 145 0.16 10.06 -9.97
C ASP B 145 -0.97 10.61 -9.04
N LEU B 146 -1.33 9.84 -7.96
CA LEU B 146 -2.36 10.17 -6.97
C LEU B 146 -1.85 10.15 -5.53
N THR B 147 -1.27 9.01 -5.09
CA THR B 147 -0.80 8.76 -3.73
C THR B 147 0.67 9.00 -3.63
N VAL B 148 1.05 9.78 -2.62
CA VAL B 148 2.43 10.06 -2.34
C VAL B 148 3.01 8.86 -1.63
N LYS B 149 4.18 8.41 -2.05
CA LYS B 149 4.96 7.37 -1.38
C LYS B 149 6.31 8.02 -1.05
N ILE B 150 6.63 8.15 0.23
CA ILE B 150 7.94 8.65 0.63
C ILE B 150 8.86 7.43 0.74
N GLY B 151 10.08 7.57 0.25
CA GLY B 151 11.11 6.55 0.38
C GLY B 151 12.46 7.22 0.31
N ASP B 152 13.51 6.43 0.18
CA ASP B 152 14.84 7.01 -0.04
C ASP B 152 15.30 6.27 -1.27
N PHE B 153 14.95 6.84 -2.43
CA PHE B 153 15.17 6.24 -3.74
C PHE B 153 16.57 6.39 -4.34
N GLY B 154 17.50 7.03 -3.63
CA GLY B 154 18.88 7.21 -4.09
C GLY B 154 19.05 7.73 -5.51
N LEU B 155 20.13 7.30 -6.19
CA LEU B 155 20.46 7.68 -7.56
C LEU B 155 19.82 6.72 -8.57
N GLY B 173 25.29 15.79 -0.78
CA GLY B 173 24.96 15.74 -2.20
C GLY B 173 23.84 16.69 -2.59
N SER B 174 22.57 16.35 -2.16
CA SER B 174 21.34 17.11 -2.39
CA SER B 174 21.39 17.16 -2.43
C SER B 174 21.22 18.29 -1.40
N ILE B 175 22.03 19.31 -1.63
CA ILE B 175 22.16 20.47 -0.79
C ILE B 175 20.99 21.45 -0.81
N LEU B 176 20.08 21.44 -1.82
CA LEU B 176 18.96 22.41 -1.87
C LEU B 176 17.95 22.26 -0.75
N TRP B 177 17.82 21.04 -0.22
CA TRP B 177 16.88 20.71 0.86
C TRP B 177 17.56 20.68 2.24
N MET B 178 18.87 21.00 2.31
CA MET B 178 19.63 20.93 3.56
C MET B 178 19.44 22.15 4.43
N ALA B 179 19.06 21.93 5.71
CA ALA B 179 18.88 23.02 6.67
C ALA B 179 20.23 23.67 6.95
N PRO B 180 20.27 24.99 7.28
CA PRO B 180 21.56 25.62 7.57
C PRO B 180 22.47 24.86 8.54
N GLU B 181 21.92 24.34 9.66
CA GLU B 181 22.68 23.61 10.67
C GLU B 181 23.24 22.27 10.14
N VAL B 182 22.57 21.64 9.15
CA VAL B 182 23.04 20.40 8.50
C VAL B 182 24.24 20.79 7.62
N ILE B 183 24.18 21.97 6.97
CA ILE B 183 25.34 22.46 6.21
C ILE B 183 26.55 22.74 7.15
N ARG B 184 26.35 23.53 8.22
CA ARG B 184 27.42 23.92 9.16
C ARG B 184 28.07 22.75 9.94
N MET B 185 27.26 21.82 10.51
CA MET B 185 27.71 20.64 11.29
C MET B 185 28.48 21.04 12.54
N ASN B 189 26.27 15.65 15.23
CA ASN B 189 25.12 15.14 14.47
C ASN B 189 24.02 16.23 14.36
N PRO B 190 23.88 16.84 13.16
CA PRO B 190 22.90 17.94 13.01
C PRO B 190 21.51 17.52 12.52
N TYR B 191 21.33 16.23 12.17
CA TYR B 191 20.07 15.69 11.70
C TYR B 191 19.06 15.55 12.83
N SER B 192 17.85 16.08 12.63
CA SER B 192 16.77 16.06 13.61
C SER B 192 15.42 16.05 12.90
N PHE B 193 14.31 16.04 13.65
CA PHE B 193 12.98 16.16 13.08
C PHE B 193 12.87 17.55 12.39
N GLN B 194 13.50 18.57 12.98
CA GLN B 194 13.47 19.93 12.46
C GLN B 194 14.22 20.10 11.17
N SER B 195 15.32 19.34 10.93
CA SER B 195 15.99 19.45 9.64
C SER B 195 15.16 18.74 8.57
N ASP B 196 14.38 17.69 8.95
CA ASP B 196 13.43 17.07 8.01
C ASP B 196 12.34 18.11 7.66
N VAL B 197 11.93 18.93 8.65
CA VAL B 197 10.92 19.99 8.48
C VAL B 197 11.42 21.04 7.48
N TYR B 198 12.68 21.47 7.61
CA TYR B 198 13.29 22.42 6.67
C TYR B 198 13.20 21.85 5.23
N ALA B 199 13.65 20.58 5.03
CA ALA B 199 13.57 19.89 3.72
C ALA B 199 12.14 19.92 3.19
N PHE B 200 11.16 19.63 4.08
CA PHE B 200 9.73 19.69 3.72
C PHE B 200 9.38 21.12 3.30
N GLY B 201 9.97 22.13 3.97
CA GLY B 201 9.75 23.52 3.62
C GLY B 201 10.20 23.80 2.19
N ILE B 202 11.33 23.18 1.78
CA ILE B 202 11.87 23.31 0.41
C ILE B 202 10.94 22.63 -0.60
N VAL B 203 10.38 21.49 -0.22
CA VAL B 203 9.38 20.78 -1.05
C VAL B 203 8.15 21.70 -1.23
N LEU B 204 7.69 22.35 -0.15
CA LEU B 204 6.55 23.28 -0.23
C LEU B 204 6.87 24.40 -1.19
N TYR B 205 8.11 24.93 -1.11
CA TYR B 205 8.64 25.95 -2.01
C TYR B 205 8.56 25.44 -3.46
N GLU B 206 9.03 24.22 -3.73
CA GLU B 206 8.97 23.65 -5.10
C GLU B 206 7.53 23.52 -5.57
N LEU B 207 6.61 23.04 -4.69
CA LEU B 207 5.21 22.86 -5.06
C LEU B 207 4.57 24.20 -5.40
N MET B 208 4.85 25.24 -4.60
CA MET B 208 4.21 26.54 -4.74
C MET B 208 4.85 27.50 -5.75
N THR B 209 6.10 27.25 -6.16
CA THR B 209 6.77 28.10 -7.16
C THR B 209 6.92 27.32 -8.47
N GLY B 210 6.91 25.99 -8.38
CA GLY B 210 7.14 25.09 -9.51
C GLY B 210 8.62 25.03 -9.85
N GLN B 211 9.49 25.61 -8.99
CA GLN B 211 10.91 25.67 -9.26
C GLN B 211 11.78 25.22 -8.10
N LEU B 212 13.06 25.04 -8.39
CA LEU B 212 14.07 24.72 -7.42
C LEU B 212 14.59 26.04 -6.83
N PRO B 213 14.96 26.11 -5.53
CA PRO B 213 15.54 27.36 -5.03
C PRO B 213 16.92 27.58 -5.62
N TYR B 214 17.35 28.86 -5.69
CA TYR B 214 18.69 29.31 -6.09
C TYR B 214 19.06 28.95 -7.49
N SER B 215 18.08 28.93 -8.40
CA SER B 215 18.30 28.59 -9.81
C SER B 215 19.16 29.63 -10.55
N ASN B 216 19.27 30.86 -9.99
CA ASN B 216 20.12 31.92 -10.59
C ASN B 216 21.55 31.91 -10.01
N ILE B 217 21.91 30.89 -9.20
CA ILE B 217 23.27 30.72 -8.68
C ILE B 217 23.82 29.40 -9.27
N ASN B 218 24.91 29.45 -10.03
CA ASN B 218 25.45 28.25 -10.70
C ASN B 218 26.67 27.61 -9.95
N ASN B 219 27.03 28.14 -8.75
CA ASN B 219 28.16 27.66 -7.96
C ASN B 219 27.69 26.97 -6.68
N ARG B 220 27.83 25.63 -6.64
CA ARG B 220 27.38 24.78 -5.53
C ARG B 220 28.02 25.18 -4.19
N ASP B 221 29.33 25.36 -4.17
CA ASP B 221 30.11 25.72 -3.00
C ASP B 221 29.60 27.03 -2.37
N GLN B 222 29.28 28.00 -3.22
CA GLN B 222 28.73 29.28 -2.77
C GLN B 222 27.33 29.10 -2.19
N ILE B 223 26.49 28.24 -2.78
CA ILE B 223 25.15 27.98 -2.22
C ILE B 223 25.34 27.37 -0.83
N ILE B 224 26.22 26.37 -0.74
CA ILE B 224 26.52 25.68 0.50
C ILE B 224 26.93 26.68 1.57
N PHE B 225 27.93 27.48 1.27
CA PHE B 225 28.47 28.46 2.20
C PHE B 225 27.41 29.48 2.68
N MET B 226 26.72 30.08 1.73
CA MET B 226 25.73 31.12 1.97
C MET B 226 24.51 30.66 2.72
N VAL B 227 23.98 29.46 2.41
CA VAL B 227 22.83 28.95 3.17
C VAL B 227 23.29 28.66 4.61
N GLY B 228 24.44 28.00 4.76
CA GLY B 228 25.01 27.68 6.07
C GLY B 228 25.21 28.92 6.92
N ARG B 229 25.64 30.04 6.31
CA ARG B 229 25.85 31.30 7.02
C ARG B 229 24.57 32.12 7.19
N GLY B 230 23.51 31.76 6.51
CA GLY B 230 22.26 32.52 6.58
C GLY B 230 22.27 33.75 5.70
N TYR B 231 23.15 33.79 4.66
CA TYR B 231 23.23 34.94 3.73
C TYR B 231 22.27 34.75 2.58
N LEU B 232 21.85 33.52 2.37
CA LEU B 232 20.98 33.12 1.27
C LEU B 232 19.86 32.28 1.81
N SER B 233 18.65 32.53 1.34
CA SER B 233 17.48 31.75 1.75
C SER B 233 16.50 31.72 0.55
N PRO B 234 15.53 30.80 0.48
CA PRO B 234 14.64 30.77 -0.70
C PRO B 234 13.86 32.08 -0.91
N ASP B 235 13.70 32.47 -2.17
CA ASP B 235 13.01 33.68 -2.55
C ASP B 235 11.50 33.39 -2.54
N LEU B 236 10.86 33.65 -1.38
CA LEU B 236 9.44 33.40 -1.13
C LEU B 236 8.51 34.33 -1.93
N SER B 237 9.04 35.39 -2.56
CA SER B 237 8.20 36.26 -3.42
C SER B 237 7.84 35.53 -4.74
N LYS B 238 8.53 34.41 -5.04
CA LYS B 238 8.32 33.57 -6.22
C LYS B 238 7.11 32.64 -6.13
N VAL B 239 6.48 32.52 -4.94
CA VAL B 239 5.31 31.63 -4.81
C VAL B 239 4.17 32.16 -5.69
N ARG B 240 3.46 31.26 -6.43
CA ARG B 240 2.36 31.65 -7.32
C ARG B 240 1.25 32.44 -6.60
N SER B 241 0.56 33.36 -7.32
CA SER B 241 -0.50 34.23 -6.74
C SER B 241 -1.65 33.47 -6.08
N ASN B 242 -2.07 32.32 -6.64
CA ASN B 242 -3.15 31.53 -6.06
C ASN B 242 -2.73 30.65 -4.85
N CYS B 243 -1.48 30.83 -4.35
CA CYS B 243 -1.00 30.11 -3.18
C CYS B 243 -1.66 30.73 -1.95
N PRO B 244 -2.43 29.94 -1.14
CA PRO B 244 -3.09 30.53 0.04
C PRO B 244 -2.09 31.16 1.00
N LYS B 245 -2.47 32.28 1.65
CA LYS B 245 -1.59 33.00 2.58
C LYS B 245 -1.11 32.11 3.73
N ALA B 246 -2.00 31.24 4.26
CA ALA B 246 -1.66 30.30 5.33
C ALA B 246 -0.55 29.32 4.90
N MET B 247 -0.45 28.96 3.59
CA MET B 247 0.56 28.05 3.04
C MET B 247 1.93 28.75 2.96
N LYS B 248 1.93 30.01 2.52
CA LYS B 248 3.14 30.82 2.45
C LYS B 248 3.70 31.05 3.85
N ARG B 249 2.83 31.22 4.86
CA ARG B 249 3.23 31.40 6.26
C ARG B 249 3.82 30.10 6.80
N LEU B 250 3.19 28.96 6.48
CA LEU B 250 3.65 27.64 6.91
C LEU B 250 5.04 27.38 6.34
N MET B 251 5.19 27.59 5.02
CA MET B 251 6.46 27.41 4.31
C MET B 251 7.57 28.24 4.96
N ALA B 252 7.28 29.51 5.31
CA ALA B 252 8.26 30.39 5.97
C ALA B 252 8.62 29.86 7.37
N GLU B 253 7.65 29.30 8.11
CA GLU B 253 7.92 28.71 9.42
C GLU B 253 8.81 27.46 9.29
N CYS B 254 8.54 26.60 8.26
CA CYS B 254 9.34 25.39 8.02
C CYS B 254 10.79 25.74 7.65
N LEU B 255 10.99 26.88 6.99
CA LEU B 255 12.29 27.35 6.51
C LEU B 255 13.05 28.22 7.49
N LYS B 256 12.59 28.36 8.74
CA LYS B 256 13.29 29.17 9.75
C LYS B 256 14.74 28.72 9.92
N LYS B 257 15.67 29.66 9.95
CA LYS B 257 17.12 29.35 10.07
C LYS B 257 17.44 28.69 11.43
N LYS B 258 16.74 29.10 12.49
CA LYS B 258 16.92 28.54 13.82
C LYS B 258 15.97 27.36 13.91
N ARG B 259 16.53 26.16 13.98
CA ARG B 259 15.73 24.93 13.95
C ARG B 259 14.64 24.85 15.03
N ASP B 260 14.90 25.38 16.23
CA ASP B 260 13.92 25.31 17.32
C ASP B 260 12.66 26.16 17.05
N GLU B 261 12.72 27.07 16.06
CA GLU B 261 11.59 27.90 15.65
C GLU B 261 10.69 27.18 14.64
N ARG B 262 11.17 26.06 14.08
CA ARG B 262 10.41 25.30 13.07
C ARG B 262 9.26 24.48 13.68
N PRO B 263 8.07 24.45 13.05
CA PRO B 263 6.98 23.62 13.60
C PRO B 263 7.29 22.14 13.37
N LEU B 264 6.64 21.24 14.13
CA LEU B 264 6.86 19.83 13.90
C LEU B 264 5.68 19.32 13.07
N PHE B 265 5.80 18.12 12.50
CA PHE B 265 4.82 17.56 11.59
C PHE B 265 3.38 17.43 12.15
N PRO B 266 3.10 17.17 13.45
CA PRO B 266 1.67 17.22 13.87
C PRO B 266 1.08 18.63 13.65
N GLN B 267 1.86 19.68 13.91
CA GLN B 267 1.43 21.07 13.71
C GLN B 267 1.33 21.40 12.19
N ILE B 268 2.32 20.97 11.38
CA ILE B 268 2.33 21.20 9.93
C ILE B 268 1.06 20.58 9.28
N LEU B 269 0.79 19.33 9.63
CA LEU B 269 -0.35 18.56 9.14
C LEU B 269 -1.65 19.21 9.54
N ALA B 270 -1.76 19.72 10.79
CA ALA B 270 -2.96 20.42 11.26
C ALA B 270 -3.15 21.73 10.48
N SER B 271 -2.07 22.47 10.20
CA SER B 271 -2.13 23.71 9.40
C SER B 271 -2.54 23.42 7.95
N ILE B 272 -2.00 22.34 7.32
CA ILE B 272 -2.35 21.99 5.94
C ILE B 272 -3.80 21.55 5.83
N GLU B 273 -4.26 20.71 6.77
CA GLU B 273 -5.64 20.20 6.82
C GLU B 273 -6.63 21.35 6.92
N LEU B 274 -6.40 22.31 7.84
CA LEU B 274 -7.22 23.51 8.05
C LEU B 274 -7.26 24.43 6.81
N LEU B 275 -6.08 24.67 6.21
CA LEU B 275 -5.85 25.45 5.01
C LEU B 275 -6.69 24.85 3.85
N ALA B 276 -6.61 23.50 3.66
CA ALA B 276 -7.30 22.75 2.61
C ALA B 276 -8.82 22.80 2.70
N ARG B 277 -9.36 22.91 3.93
CA ARG B 277 -10.81 23.00 4.18
C ARG B 277 -11.34 24.38 3.75
N SER B 278 -10.49 25.41 3.87
CA SER B 278 -10.80 26.82 3.59
C SER B 278 -10.69 27.25 2.12
N LEU B 279 -10.37 26.33 1.21
CA LEU B 279 -10.24 26.61 -0.23
C LEU B 279 -11.59 26.82 -0.89
#